data_6HDY
#
_entry.id   6HDY
#
_cell.length_a   84.190
_cell.length_b   84.190
_cell.length_c   219.810
_cell.angle_alpha   90.00
_cell.angle_beta   90.00
_cell.angle_gamma   90.00
#
_symmetry.space_group_name_H-M   'P 41 21 2'
#
loop_
_entity.id
_entity.type
_entity.pdbx_description
1 polymer '2-hydroxyisobutyryl-CoA synthetase'
2 non-polymer '(3S)-3-HYDROXYBUTANOIC ACID'
3 non-polymer '[[(2~{R},3~{S},4~{R},5~{R})-5-(6-aminopurin-9-yl)-3,4-bis(oxidanyl)oxolan-2-yl]methoxy-oxidanyl-phosphoryl] (3~{S})-3-oxidanylbutanoate'
4 non-polymer 'SULFATE ION'
5 water water
#
_entity_poly.entity_id   1
_entity_poly.type   'polypeptide(L)'
_entity_poly.pdbx_seq_one_letter_code
;MASHHHHHHSGMEEWNFPVEYDENYLPPADSRYWFPRRETMPAAERDKAILGRLQQVCQYAWEHAPFYRRKWEEAGFQPS
QLKSLEDFEARVPVVKKTDLRESQAAHPPFGDYVCVPNSEIFHVHGTSGTTGRPTAFGIGRADWRAIANAHARIMWGMGI
RPGDLVCVAAVFSLYMGSWGALAGAERLRAKAFPFGAGAPGMSARLVQWLDTMKPAAFYGTPSYAIHLAEVAREEKLNPR
NFGLKCLFFSGEPGASVPGVKDRIEEAYGAKVYDCGSMAEMSPFMNVAGTEQSNDGMLCWQDIIYTEVCDPANMRRVPYG
QRGTPVYTHLERTSQPMIRLLSGDLTLWTNDENPCGRTYPRLPQGIFGRIDDMFTIRGENIYPSEIDAALNQMSGYGGEH
RIVITRESAMDELLLRVEPSESVHAAGAAALETFRTEASHRVQTVLGVRAKVELVAPNSIARTDFKARRVIDDREVFRAL
NQQLQSSAGSAWSHPQFEK
;
_entity_poly.pdbx_strand_id   A
#
loop_
_chem_comp.id
_chem_comp.type
_chem_comp.name
_chem_comp.formula
3HL non-polymer '(3S)-3-HYDROXYBUTANOIC ACID' 'C4 H8 O3'
8LQ non-polymer '[[(2~{R},3~{S},4~{R},5~{R})-5-(6-aminopurin-9-yl)-3,4-bis(oxidanyl)oxolan-2-yl]methoxy-oxidanyl-phosphoryl] (3~{S})-3-oxidanylbutanoate' 'C14 H20 N5 O9 P'
SO4 non-polymer 'SULFATE ION' 'O4 S -2'
#
# COMPACT_ATOMS: atom_id res chain seq x y z
N SER A 10 -11.82 -11.75 -26.89
CA SER A 10 -12.06 -11.12 -25.59
C SER A 10 -12.63 -9.70 -25.70
N GLY A 11 -12.14 -8.93 -26.68
CA GLY A 11 -12.52 -7.52 -26.91
C GLY A 11 -11.88 -6.57 -25.91
N MET A 12 -10.86 -7.06 -25.17
CA MET A 12 -10.11 -6.31 -24.17
C MET A 12 -9.31 -5.20 -24.84
N GLU A 13 -9.55 -3.94 -24.39
CA GLU A 13 -8.93 -2.75 -24.95
C GLU A 13 -7.42 -2.82 -24.83
N GLU A 14 -6.73 -2.68 -25.97
CA GLU A 14 -5.27 -2.67 -26.13
C GLU A 14 -4.58 -3.84 -25.42
N TRP A 15 -5.19 -5.04 -25.54
CA TRP A 15 -4.69 -6.26 -24.94
C TRP A 15 -3.58 -6.85 -25.79
N ASN A 16 -2.33 -6.59 -25.43
CA ASN A 16 -1.16 -7.06 -26.16
C ASN A 16 0.05 -7.15 -25.26
N PHE A 17 0.94 -8.14 -25.54
CA PHE A 17 2.21 -8.27 -24.86
C PHE A 17 3.34 -8.35 -25.89
N PRO A 18 4.35 -7.43 -25.83
CA PRO A 18 4.49 -6.28 -24.92
C PRO A 18 3.39 -5.24 -25.17
N VAL A 19 2.88 -4.61 -24.11
CA VAL A 19 1.82 -3.60 -24.21
C VAL A 19 2.35 -2.29 -24.89
N GLU A 20 1.44 -1.54 -25.53
CA GLU A 20 1.75 -0.33 -26.29
C GLU A 20 0.54 0.59 -26.38
N TYR A 21 0.24 1.26 -25.28
CA TYR A 21 -0.93 2.13 -25.13
C TYR A 21 -0.96 3.41 -25.98
N ASP A 22 -2.14 3.71 -26.54
CA ASP A 22 -2.41 4.96 -27.25
C ASP A 22 -2.35 6.07 -26.18
N GLU A 23 -1.33 6.92 -26.27
CA GLU A 23 -1.04 8.04 -25.38
C GLU A 23 -2.08 9.16 -25.49
N ASN A 24 -2.87 9.17 -26.58
CA ASN A 24 -3.89 10.21 -26.81
C ASN A 24 -5.29 9.82 -26.40
N TYR A 25 -5.50 8.57 -25.98
CA TYR A 25 -6.80 8.11 -25.55
C TYR A 25 -7.22 8.72 -24.21
N LEU A 26 -8.46 9.21 -24.17
CA LEU A 26 -9.10 9.71 -22.96
C LEU A 26 -10.55 9.14 -23.01
N PRO A 27 -11.05 8.53 -21.90
CA PRO A 27 -12.44 8.00 -21.95
C PRO A 27 -13.47 9.11 -22.16
N PRO A 28 -14.74 8.81 -22.55
CA PRO A 28 -15.74 9.89 -22.67
C PRO A 28 -15.97 10.47 -21.26
N ALA A 29 -16.26 11.79 -21.18
CA ALA A 29 -16.48 12.46 -19.89
C ALA A 29 -17.58 11.80 -18.99
N ASP A 30 -18.59 11.14 -19.60
CA ASP A 30 -19.69 10.48 -18.91
C ASP A 30 -19.42 9.04 -18.43
N SER A 31 -18.26 8.43 -18.82
CA SER A 31 -17.88 7.07 -18.44
C SER A 31 -17.27 6.96 -17.04
N ARG A 32 -17.71 5.93 -16.28
CA ARG A 32 -17.18 5.63 -14.95
C ARG A 32 -15.81 4.89 -15.08
N TYR A 33 -15.68 4.11 -16.18
CA TYR A 33 -14.54 3.24 -16.45
C TYR A 33 -13.64 3.78 -17.56
N TRP A 34 -12.31 3.64 -17.36
CA TRP A 34 -11.29 4.00 -18.34
C TRP A 34 -11.37 2.94 -19.44
N PHE A 35 -11.38 1.65 -19.06
CA PHE A 35 -11.53 0.55 -20.00
C PHE A 35 -12.79 -0.27 -19.63
N PRO A 36 -13.98 0.11 -20.18
CA PRO A 36 -15.22 -0.63 -19.83
C PRO A 36 -15.12 -2.15 -19.94
N ARG A 37 -14.55 -2.70 -21.05
CA ARG A 37 -14.45 -4.15 -21.23
C ARG A 37 -13.59 -4.82 -20.21
N ARG A 38 -12.27 -4.48 -20.17
CA ARG A 38 -11.29 -5.06 -19.22
C ARG A 38 -11.77 -5.02 -17.76
N GLU A 39 -12.42 -3.92 -17.36
CA GLU A 39 -12.89 -3.62 -16.02
C GLU A 39 -14.22 -4.28 -15.60
N THR A 40 -15.17 -4.42 -16.54
CA THR A 40 -16.50 -4.94 -16.23
C THR A 40 -16.86 -6.27 -16.94
N MET A 41 -15.94 -6.89 -17.73
CA MET A 41 -16.20 -8.18 -18.41
C MET A 41 -16.47 -9.34 -17.45
N PRO A 42 -17.16 -10.45 -17.85
CA PRO A 42 -17.32 -11.58 -16.91
C PRO A 42 -15.94 -12.10 -16.46
N ALA A 43 -15.75 -12.26 -15.13
CA ALA A 43 -14.48 -12.66 -14.48
C ALA A 43 -13.84 -13.92 -15.05
N ALA A 44 -14.67 -14.89 -15.48
CA ALA A 44 -14.26 -16.15 -16.10
C ALA A 44 -13.66 -15.92 -17.49
N GLU A 45 -14.16 -14.89 -18.21
CA GLU A 45 -13.69 -14.47 -19.53
C GLU A 45 -12.31 -13.81 -19.39
N ARG A 46 -12.13 -13.00 -18.33
CA ARG A 46 -10.87 -12.30 -18.04
C ARG A 46 -9.80 -13.29 -17.60
N ASP A 47 -10.18 -14.25 -16.73
CA ASP A 47 -9.29 -15.31 -16.23
C ASP A 47 -8.73 -16.18 -17.36
N LYS A 48 -9.49 -16.30 -18.47
CA LYS A 48 -9.05 -17.06 -19.64
C LYS A 48 -7.89 -16.32 -20.33
N ALA A 49 -8.07 -15.01 -20.53
CA ALA A 49 -7.10 -14.14 -21.18
C ALA A 49 -5.89 -13.92 -20.28
N ILE A 50 -6.09 -13.86 -18.93
CA ILE A 50 -5.00 -13.71 -17.94
C ILE A 50 -4.06 -14.90 -18.05
N LEU A 51 -4.62 -16.13 -18.13
CA LEU A 51 -3.87 -17.37 -18.29
C LEU A 51 -3.08 -17.33 -19.60
N GLY A 52 -3.71 -16.81 -20.67
CA GLY A 52 -3.10 -16.63 -21.98
C GLY A 52 -1.90 -15.72 -21.90
N ARG A 53 -2.06 -14.59 -21.20
CA ARG A 53 -0.98 -13.61 -20.98
C ARG A 53 0.14 -14.21 -20.12
N LEU A 54 -0.25 -14.96 -19.08
CA LEU A 54 0.62 -15.64 -18.11
C LEU A 54 1.58 -16.55 -18.86
N GLN A 55 1.09 -17.23 -19.91
CA GLN A 55 1.87 -18.10 -20.77
C GLN A 55 2.91 -17.29 -21.57
N GLN A 56 2.46 -16.15 -22.13
CA GLN A 56 3.30 -15.21 -22.89
C GLN A 56 4.43 -14.68 -21.99
N VAL A 57 4.09 -14.19 -20.76
CA VAL A 57 5.03 -13.63 -19.78
C VAL A 57 6.11 -14.67 -19.36
N CYS A 58 5.67 -15.89 -19.03
CA CYS A 58 6.56 -16.99 -18.64
C CYS A 58 7.50 -17.40 -19.75
N GLN A 59 7.03 -17.34 -21.01
CA GLN A 59 7.85 -17.65 -22.19
C GLN A 59 8.85 -16.52 -22.35
N TYR A 60 8.38 -15.27 -22.15
CA TYR A 60 9.24 -14.09 -22.25
C TYR A 60 10.37 -14.15 -21.21
N ALA A 61 10.04 -14.51 -19.94
CA ALA A 61 11.01 -14.60 -18.84
C ALA A 61 12.00 -15.74 -19.05
N TRP A 62 11.53 -16.89 -19.54
CA TRP A 62 12.37 -18.05 -19.86
C TRP A 62 13.42 -17.70 -20.90
N GLU A 63 13.04 -16.85 -21.85
CA GLU A 63 13.90 -16.40 -22.95
C GLU A 63 14.91 -15.35 -22.55
N HIS A 64 14.53 -14.39 -21.66
CA HIS A 64 15.39 -13.25 -21.35
C HIS A 64 15.95 -13.17 -19.92
N ALA A 65 15.43 -13.97 -19.00
CA ALA A 65 15.86 -13.94 -17.61
C ALA A 65 16.50 -15.25 -17.14
N PRO A 66 17.83 -15.33 -17.02
CA PRO A 66 18.44 -16.56 -16.48
C PRO A 66 18.06 -16.81 -15.02
N PHE A 67 17.59 -15.77 -14.30
CA PHE A 67 17.11 -15.87 -12.92
C PHE A 67 15.90 -16.78 -12.90
N TYR A 68 14.90 -16.53 -13.77
CA TYR A 68 13.71 -17.35 -13.90
C TYR A 68 14.02 -18.70 -14.51
N ARG A 69 14.89 -18.76 -15.54
CA ARG A 69 15.29 -20.04 -16.16
C ARG A 69 15.91 -20.99 -15.10
N ARG A 70 16.83 -20.48 -14.24
CA ARG A 70 17.47 -21.24 -13.16
C ARG A 70 16.51 -21.64 -12.06
N LYS A 71 15.67 -20.70 -11.60
CA LYS A 71 14.72 -20.89 -10.51
C LYS A 71 13.66 -21.92 -10.89
N TRP A 72 13.10 -21.78 -12.09
CA TRP A 72 12.05 -22.67 -12.60
C TRP A 72 12.56 -24.06 -12.83
N GLU A 73 13.79 -24.20 -13.39
CA GLU A 73 14.40 -25.52 -13.62
C GLU A 73 14.60 -26.27 -12.29
N GLU A 74 15.01 -25.54 -11.23
CA GLU A 74 15.22 -26.04 -9.87
C GLU A 74 13.90 -26.57 -9.25
N ALA A 75 12.75 -25.91 -9.53
CA ALA A 75 11.43 -26.32 -9.03
C ALA A 75 10.68 -27.29 -9.97
N GLY A 76 11.35 -27.69 -11.06
CA GLY A 76 10.82 -28.62 -12.06
C GLY A 76 9.71 -28.02 -12.91
N PHE A 77 9.87 -26.76 -13.31
CA PHE A 77 8.87 -26.06 -14.12
C PHE A 77 9.42 -25.53 -15.46
N GLN A 78 8.59 -25.71 -16.50
CA GLN A 78 8.79 -25.29 -17.89
C GLN A 78 7.50 -24.53 -18.29
N PRO A 79 7.56 -23.36 -19.01
CA PRO A 79 6.31 -22.62 -19.34
C PRO A 79 5.20 -23.40 -20.08
N SER A 80 5.55 -24.48 -20.77
CA SER A 80 4.59 -25.33 -21.47
C SER A 80 3.68 -26.11 -20.51
N GLN A 81 4.04 -26.18 -19.21
CA GLN A 81 3.29 -26.88 -18.17
C GLN A 81 2.25 -25.96 -17.54
N LEU A 82 2.26 -24.66 -17.91
CA LEU A 82 1.27 -23.70 -17.43
C LEU A 82 0.04 -23.91 -18.35
N LYS A 83 -0.91 -24.74 -17.91
CA LYS A 83 -2.09 -25.08 -18.71
C LYS A 83 -3.41 -24.66 -18.05
N SER A 84 -3.33 -24.04 -16.86
CA SER A 84 -4.43 -23.53 -16.05
C SER A 84 -3.89 -22.66 -14.91
N LEU A 85 -4.77 -21.88 -14.24
CA LEU A 85 -4.42 -21.04 -13.09
C LEU A 85 -4.00 -21.91 -11.89
N GLU A 86 -4.50 -23.16 -11.86
CA GLU A 86 -4.17 -24.15 -10.84
C GLU A 86 -2.73 -24.66 -11.04
N ASP A 87 -2.26 -24.74 -12.30
CA ASP A 87 -0.88 -25.14 -12.63
C ASP A 87 0.08 -24.05 -12.17
N PHE A 88 -0.30 -22.79 -12.37
CA PHE A 88 0.45 -21.60 -11.98
C PHE A 88 0.75 -21.58 -10.47
N GLU A 89 -0.28 -21.77 -9.62
CA GLU A 89 -0.10 -21.71 -8.16
C GLU A 89 0.70 -22.87 -7.58
N ALA A 90 0.55 -24.05 -8.17
CA ALA A 90 1.17 -25.29 -7.70
C ALA A 90 2.56 -25.54 -8.25
N ARG A 91 2.80 -25.25 -9.54
CA ARG A 91 4.08 -25.54 -10.20
C ARG A 91 5.11 -24.42 -10.16
N VAL A 92 4.64 -23.16 -10.27
CA VAL A 92 5.52 -21.99 -10.30
C VAL A 92 5.98 -21.60 -8.89
N PRO A 93 7.30 -21.69 -8.59
CA PRO A 93 7.79 -21.28 -7.26
C PRO A 93 7.67 -19.77 -7.06
N VAL A 94 7.33 -19.35 -5.84
CA VAL A 94 7.25 -17.91 -5.54
C VAL A 94 8.63 -17.29 -5.48
N VAL A 95 8.71 -16.02 -5.86
CA VAL A 95 9.94 -15.23 -5.77
C VAL A 95 9.90 -14.54 -4.41
N LYS A 96 11.01 -14.57 -3.68
CA LYS A 96 11.18 -13.88 -2.40
C LYS A 96 12.06 -12.63 -2.64
N LYS A 97 11.92 -11.59 -1.81
CA LYS A 97 12.74 -10.37 -1.89
C LYS A 97 14.25 -10.72 -1.68
N THR A 98 14.54 -11.73 -0.84
CA THR A 98 15.89 -12.22 -0.62
C THR A 98 16.49 -12.82 -1.93
N ASP A 99 15.62 -13.40 -2.81
CA ASP A 99 16.08 -13.97 -4.10
C ASP A 99 16.51 -12.86 -5.05
N LEU A 100 15.81 -11.73 -5.03
CA LEU A 100 16.11 -10.56 -5.86
C LEU A 100 17.47 -9.94 -5.47
N ARG A 101 17.71 -9.83 -4.14
CA ARG A 101 18.95 -9.30 -3.57
C ARG A 101 20.13 -10.14 -4.03
N GLU A 102 20.02 -11.47 -3.91
CA GLU A 102 21.08 -12.42 -4.32
C GLU A 102 21.40 -12.32 -5.81
N SER A 103 20.34 -12.21 -6.64
CA SER A 103 20.45 -12.07 -8.10
C SER A 103 21.17 -10.75 -8.47
N GLN A 104 20.84 -9.65 -7.76
CA GLN A 104 21.49 -8.35 -7.92
C GLN A 104 22.95 -8.37 -7.48
N ALA A 105 23.27 -9.04 -6.35
CA ALA A 105 24.67 -9.19 -5.91
C ALA A 105 25.52 -9.98 -6.93
N ALA A 106 24.96 -11.09 -7.48
CA ALA A 106 25.68 -11.91 -8.45
C ALA A 106 25.66 -11.29 -9.86
N HIS A 107 24.58 -10.57 -10.22
CA HIS A 107 24.48 -9.94 -11.55
C HIS A 107 24.15 -8.45 -11.39
N PRO A 108 25.14 -7.65 -10.93
CA PRO A 108 24.88 -6.23 -10.71
C PRO A 108 24.74 -5.39 -11.98
N PRO A 109 23.99 -4.27 -11.95
CA PRO A 109 23.23 -3.73 -10.82
C PRO A 109 21.78 -4.21 -10.67
N PHE A 110 21.13 -4.68 -11.76
CA PHE A 110 19.70 -5.01 -11.74
C PHE A 110 19.31 -6.48 -11.59
N GLY A 111 20.28 -7.38 -11.55
CA GLY A 111 19.99 -8.80 -11.40
C GLY A 111 19.79 -9.53 -12.71
N ASP A 112 19.64 -10.85 -12.61
CA ASP A 112 19.47 -11.66 -13.80
C ASP A 112 18.00 -11.81 -14.22
N TYR A 113 17.14 -10.93 -13.71
CA TYR A 113 15.73 -10.87 -14.05
C TYR A 113 15.39 -9.54 -14.75
N VAL A 114 16.40 -8.73 -15.14
CA VAL A 114 16.19 -7.44 -15.80
C VAL A 114 15.45 -7.57 -17.16
N CYS A 115 15.82 -8.58 -17.98
CA CYS A 115 15.26 -9.02 -19.27
C CYS A 115 15.59 -8.10 -20.42
N VAL A 116 15.34 -6.79 -20.26
CA VAL A 116 15.58 -5.82 -21.32
C VAL A 116 17.07 -5.54 -21.45
N PRO A 117 17.57 -5.09 -22.63
CA PRO A 117 18.98 -4.71 -22.70
C PRO A 117 19.21 -3.45 -21.86
N ASN A 118 20.45 -3.23 -21.45
CA ASN A 118 20.90 -2.07 -20.68
C ASN A 118 20.43 -0.75 -21.30
N SER A 119 20.49 -0.65 -22.63
CA SER A 119 20.09 0.50 -23.44
C SER A 119 18.60 0.84 -23.34
N GLU A 120 17.78 -0.08 -22.84
CA GLU A 120 16.35 0.16 -22.71
C GLU A 120 16.00 0.86 -21.36
N ILE A 121 16.88 0.76 -20.33
CA ILE A 121 16.62 1.33 -18.99
C ILE A 121 16.43 2.85 -19.05
N PHE A 122 15.28 3.27 -18.57
CA PHE A 122 14.80 4.65 -18.55
C PHE A 122 15.00 5.34 -17.19
N HIS A 123 14.62 4.67 -16.09
CA HIS A 123 14.68 5.21 -14.75
C HIS A 123 15.30 4.23 -13.79
N VAL A 124 16.09 4.75 -12.84
CA VAL A 124 16.75 4.01 -11.77
C VAL A 124 16.14 4.45 -10.45
N HIS A 125 15.55 3.51 -9.71
CA HIS A 125 14.96 3.73 -8.39
C HIS A 125 15.37 2.58 -7.53
N GLY A 126 14.75 2.41 -6.39
CA GLY A 126 15.10 1.29 -5.53
C GLY A 126 14.47 1.32 -4.17
N THR A 127 14.99 0.46 -3.28
CA THR A 127 14.57 0.35 -1.88
C THR A 127 15.61 1.07 -0.95
N SER A 128 15.23 1.36 0.31
CA SER A 128 16.10 2.03 1.29
C SER A 128 16.08 1.34 2.65
N ARG A 133 20.43 -4.77 2.62
CA ARG A 133 20.93 -4.49 1.27
C ARG A 133 19.83 -3.97 0.35
N PRO A 134 20.02 -2.77 -0.27
CA PRO A 134 18.95 -2.23 -1.13
C PRO A 134 18.92 -2.87 -2.52
N THR A 135 17.73 -2.97 -3.08
CA THR A 135 17.55 -3.49 -4.42
C THR A 135 17.31 -2.34 -5.37
N ALA A 136 17.97 -2.39 -6.52
CA ALA A 136 17.87 -1.38 -7.54
C ALA A 136 16.77 -1.72 -8.57
N PHE A 137 15.96 -0.74 -8.91
CA PHE A 137 14.98 -0.92 -9.95
C PHE A 137 15.48 -0.24 -11.24
N GLY A 138 15.57 -1.03 -12.31
CA GLY A 138 15.94 -0.60 -13.65
C GLY A 138 14.71 -0.77 -14.50
N ILE A 139 13.94 0.31 -14.64
CA ILE A 139 12.68 0.32 -15.38
C ILE A 139 12.86 0.85 -16.82
N GLY A 140 12.44 0.05 -17.80
CA GLY A 140 12.55 0.41 -19.21
C GLY A 140 11.52 1.45 -19.59
N ARG A 141 11.76 2.14 -20.71
CA ARG A 141 10.88 3.18 -21.25
C ARG A 141 9.46 2.69 -21.46
N ALA A 142 9.32 1.51 -22.05
CA ALA A 142 8.02 0.89 -22.33
C ALA A 142 7.28 0.58 -21.06
N ASP A 143 7.98 0.09 -20.01
CA ASP A 143 7.35 -0.17 -18.70
C ASP A 143 6.87 1.09 -18.00
N TRP A 144 7.64 2.17 -18.07
CA TRP A 144 7.28 3.47 -17.47
C TRP A 144 5.93 3.93 -18.10
N ARG A 145 5.81 3.79 -19.43
CA ARG A 145 4.56 4.08 -20.17
C ARG A 145 3.43 3.13 -19.72
N ALA A 146 3.73 1.83 -19.57
CA ALA A 146 2.74 0.83 -19.09
C ALA A 146 2.24 1.21 -17.67
N ILE A 147 3.14 1.69 -16.81
CA ILE A 147 2.83 2.13 -15.43
C ILE A 147 1.96 3.41 -15.45
N ALA A 148 2.35 4.43 -16.25
CA ALA A 148 1.63 5.70 -16.35
C ALA A 148 0.19 5.50 -16.85
N ASN A 149 0.00 4.61 -17.82
CA ASN A 149 -1.32 4.30 -18.37
C ASN A 149 -2.18 3.53 -17.40
N ALA A 150 -1.62 2.49 -16.75
CA ALA A 150 -2.30 1.70 -15.72
C ALA A 150 -2.74 2.64 -14.62
N HIS A 151 -1.85 3.55 -14.17
CA HIS A 151 -2.18 4.45 -13.05
C HIS A 151 -3.22 5.50 -13.40
N ALA A 152 -3.18 6.09 -14.64
CA ALA A 152 -4.20 7.07 -15.10
C ALA A 152 -5.58 6.42 -15.10
N ARG A 153 -5.64 5.14 -15.53
CA ARG A 153 -6.84 4.32 -15.59
C ARG A 153 -7.52 4.15 -14.22
N ILE A 154 -6.73 3.73 -13.21
CA ILE A 154 -7.15 3.50 -11.84
C ILE A 154 -7.48 4.83 -11.13
N MET A 155 -6.74 5.93 -11.44
CA MET A 155 -7.00 7.25 -10.85
C MET A 155 -8.34 7.80 -11.38
N TRP A 156 -8.68 7.48 -12.65
CA TRP A 156 -9.95 7.82 -13.27
C TRP A 156 -11.05 7.08 -12.49
N GLY A 157 -10.76 5.83 -12.09
CA GLY A 157 -11.65 5.01 -11.27
C GLY A 157 -11.99 5.61 -9.91
N MET A 158 -11.10 6.50 -9.41
CA MET A 158 -11.27 7.22 -8.15
C MET A 158 -12.02 8.54 -8.37
N GLY A 159 -12.45 8.79 -9.61
CA GLY A 159 -13.15 10.00 -9.98
C GLY A 159 -12.24 11.19 -10.27
N ILE A 160 -10.90 10.96 -10.38
CA ILE A 160 -9.91 11.99 -10.72
C ILE A 160 -9.99 12.20 -12.24
N ARG A 161 -9.97 13.45 -12.68
CA ARG A 161 -10.19 13.78 -14.09
C ARG A 161 -9.16 14.66 -14.75
N PRO A 162 -9.09 14.69 -16.12
CA PRO A 162 -8.20 15.65 -16.79
C PRO A 162 -8.48 17.08 -16.31
N GLY A 163 -7.40 17.83 -16.07
CA GLY A 163 -7.51 19.21 -15.62
C GLY A 163 -7.55 19.35 -14.12
N ASP A 164 -7.81 18.27 -13.38
CA ASP A 164 -7.79 18.31 -11.92
C ASP A 164 -6.36 18.51 -11.43
N LEU A 165 -6.20 19.36 -10.42
CA LEU A 165 -4.92 19.61 -9.80
C LEU A 165 -4.65 18.45 -8.81
N VAL A 166 -3.56 17.68 -9.07
CA VAL A 166 -3.20 16.52 -8.25
C VAL A 166 -1.95 16.82 -7.47
N CYS A 167 -2.06 16.91 -6.14
CA CYS A 167 -0.89 17.14 -5.31
C CYS A 167 -0.23 15.82 -4.97
N VAL A 168 1.01 15.59 -5.47
CA VAL A 168 1.79 14.38 -5.14
C VAL A 168 2.75 14.77 -4.03
N ALA A 169 2.39 14.43 -2.80
CA ALA A 169 3.14 14.80 -1.60
C ALA A 169 3.77 13.60 -0.87
N ALA A 170 4.64 12.88 -1.60
CA ALA A 170 5.47 11.79 -1.08
C ALA A 170 6.86 12.10 -1.65
N VAL A 171 7.92 11.64 -0.98
CA VAL A 171 9.32 11.89 -1.34
C VAL A 171 9.63 11.39 -2.77
N PHE A 172 10.28 12.23 -3.57
CA PHE A 172 10.68 11.89 -4.94
C PHE A 172 12.14 11.53 -4.90
N SER A 173 12.40 10.24 -4.76
CA SER A 173 13.76 9.74 -4.62
C SER A 173 13.77 8.29 -5.14
N LEU A 174 14.39 7.37 -4.40
CA LEU A 174 14.43 5.93 -4.70
C LEU A 174 13.01 5.37 -4.70
N TYR A 175 12.18 5.84 -3.78
CA TYR A 175 10.79 5.43 -3.52
C TYR A 175 9.86 5.53 -4.75
N MET A 176 9.21 4.40 -5.11
CA MET A 176 8.35 4.31 -6.29
C MET A 176 6.98 4.98 -6.19
N GLY A 177 6.45 5.09 -4.97
CA GLY A 177 5.15 5.65 -4.69
C GLY A 177 4.87 6.98 -5.34
N SER A 178 5.72 7.97 -5.05
CA SER A 178 5.58 9.33 -5.60
C SER A 178 5.63 9.36 -7.12
N TRP A 179 6.63 8.66 -7.73
CA TRP A 179 6.83 8.61 -9.19
C TRP A 179 5.65 7.96 -9.87
N GLY A 180 5.12 6.92 -9.27
CA GLY A 180 3.96 6.22 -9.80
C GLY A 180 2.70 7.05 -9.83
N ALA A 181 2.45 7.85 -8.78
CA ALA A 181 1.27 8.73 -8.74
C ALA A 181 1.46 9.89 -9.72
N LEU A 182 2.69 10.41 -9.82
CA LEU A 182 3.01 11.47 -10.76
C LEU A 182 2.78 11.04 -12.23
N ALA A 183 3.28 9.82 -12.61
CA ALA A 183 3.16 9.28 -13.96
C ALA A 183 1.70 9.09 -14.38
N GLY A 184 0.86 8.70 -13.42
CA GLY A 184 -0.58 8.52 -13.61
C GLY A 184 -1.27 9.85 -13.81
N ALA A 185 -0.91 10.85 -12.98
CA ALA A 185 -1.44 12.21 -13.09
C ALA A 185 -1.09 12.85 -14.44
N GLU A 186 0.17 12.69 -14.88
CA GLU A 186 0.67 13.17 -16.19
C GLU A 186 -0.15 12.55 -17.33
N ARG A 187 -0.29 11.20 -17.34
CA ARG A 187 -1.04 10.48 -18.38
C ARG A 187 -2.56 10.80 -18.33
N LEU A 188 -3.09 11.04 -17.12
CA LEU A 188 -4.51 11.39 -16.94
C LEU A 188 -4.83 12.80 -17.49
N ARG A 189 -3.77 13.58 -17.85
CA ARG A 189 -3.86 14.96 -18.31
C ARG A 189 -4.39 15.83 -17.15
N ALA A 190 -4.03 15.45 -15.92
CA ALA A 190 -4.37 16.24 -14.74
C ALA A 190 -3.28 17.33 -14.66
N LYS A 191 -3.44 18.34 -13.82
CA LYS A 191 -2.37 19.33 -13.60
C LYS A 191 -1.51 18.67 -12.49
N ALA A 192 -0.41 17.98 -12.88
CA ALA A 192 0.43 17.28 -11.88
C ALA A 192 1.16 18.29 -11.02
N PHE A 193 0.97 18.22 -9.69
CA PHE A 193 1.61 19.12 -8.73
C PHE A 193 2.59 18.29 -7.83
N PRO A 194 3.81 17.98 -8.33
CA PRO A 194 4.74 17.17 -7.52
C PRO A 194 5.48 17.96 -6.45
N PHE A 195 4.77 18.27 -5.34
CA PHE A 195 5.39 19.01 -4.24
C PHE A 195 6.41 18.12 -3.52
N GLY A 196 6.13 16.83 -3.39
CA GLY A 196 7.08 15.96 -2.72
C GLY A 196 6.99 16.02 -1.21
N ALA A 197 8.03 15.51 -0.53
CA ALA A 197 8.09 15.42 0.93
C ALA A 197 9.52 15.12 1.33
N GLY A 198 9.80 15.16 2.62
CA GLY A 198 11.09 14.77 3.17
C GLY A 198 11.94 15.84 3.82
N ALA A 199 11.85 17.09 3.33
CA ALA A 199 12.70 18.17 3.85
C ALA A 199 12.03 18.99 4.94
N PRO A 200 12.80 19.40 5.99
CA PRO A 200 12.20 20.25 7.04
C PRO A 200 11.74 21.58 6.44
N GLY A 201 10.56 22.02 6.85
CA GLY A 201 9.97 23.26 6.37
C GLY A 201 8.97 23.04 5.26
N MET A 202 8.94 21.82 4.69
CA MET A 202 8.04 21.50 3.58
C MET A 202 6.56 21.53 3.91
N SER A 203 6.18 20.92 5.05
CA SER A 203 4.77 20.78 5.46
C SER A 203 4.12 22.13 5.74
N ALA A 204 4.86 23.05 6.38
CA ALA A 204 4.35 24.38 6.68
C ALA A 204 4.11 25.13 5.37
N ARG A 205 4.99 24.94 4.38
CA ARG A 205 4.83 25.58 3.08
C ARG A 205 3.73 24.92 2.24
N LEU A 206 3.59 23.60 2.33
CA LEU A 206 2.57 22.83 1.62
C LEU A 206 1.16 23.25 1.95
N VAL A 207 0.85 23.42 3.24
CA VAL A 207 -0.49 23.82 3.68
C VAL A 207 -0.88 25.17 3.05
N GLN A 208 0.09 26.11 2.94
CA GLN A 208 -0.13 27.39 2.25
C GLN A 208 -0.43 27.15 0.77
N TRP A 209 0.33 26.24 0.09
CA TRP A 209 0.11 25.90 -1.32
C TRP A 209 -1.24 25.24 -1.54
N LEU A 210 -1.69 24.38 -0.62
CA LEU A 210 -2.99 23.69 -0.71
C LEU A 210 -4.15 24.68 -0.51
N ASP A 211 -3.97 25.67 0.38
CA ASP A 211 -4.95 26.72 0.65
C ASP A 211 -5.07 27.64 -0.57
N THR A 212 -3.92 27.99 -1.20
CA THR A 212 -3.90 28.84 -2.40
C THR A 212 -4.42 28.11 -3.64
N MET A 213 -3.82 26.95 -3.97
CA MET A 213 -4.09 26.15 -5.18
C MET A 213 -5.41 25.40 -5.16
N LYS A 214 -5.88 24.95 -3.98
CA LYS A 214 -7.13 24.20 -3.80
C LYS A 214 -7.21 22.94 -4.74
N PRO A 215 -6.35 21.91 -4.51
CA PRO A 215 -6.35 20.73 -5.40
C PRO A 215 -7.55 19.82 -5.28
N ALA A 216 -7.89 19.16 -6.38
CA ALA A 216 -9.00 18.20 -6.37
C ALA A 216 -8.55 16.89 -5.75
N ALA A 217 -7.23 16.55 -5.85
CA ALA A 217 -6.72 15.29 -5.33
C ALA A 217 -5.36 15.40 -4.64
N PHE A 218 -5.14 14.53 -3.65
CA PHE A 218 -3.90 14.49 -2.86
C PHE A 218 -3.40 13.08 -2.81
N TYR A 219 -2.07 12.89 -2.99
CA TYR A 219 -1.44 11.60 -2.84
C TYR A 219 -0.31 11.66 -1.80
N GLY A 220 -0.24 10.62 -0.97
CA GLY A 220 0.86 10.40 -0.04
C GLY A 220 0.58 9.21 0.84
N THR A 221 1.15 9.19 2.06
CA THR A 221 0.88 8.13 3.05
C THR A 221 -0.28 8.55 3.95
N PRO A 222 -1.08 7.59 4.49
CA PRO A 222 -2.15 7.99 5.43
C PRO A 222 -1.61 8.75 6.64
N SER A 223 -0.37 8.42 7.09
CA SER A 223 0.35 9.07 8.20
C SER A 223 0.60 10.54 7.88
N TYR A 224 1.10 10.83 6.67
CA TYR A 224 1.37 12.20 6.25
C TYR A 224 0.13 13.07 6.25
N ALA A 225 -0.99 12.57 5.70
CA ALA A 225 -2.27 13.30 5.70
C ALA A 225 -2.66 13.74 7.17
N ILE A 226 -2.50 12.85 8.15
CA ILE A 226 -2.79 13.17 9.55
C ILE A 226 -1.84 14.27 10.04
N HIS A 227 -0.52 14.12 9.78
CA HIS A 227 0.49 15.09 10.22
C HIS A 227 0.26 16.47 9.62
N LEU A 228 -0.11 16.51 8.33
CA LEU A 228 -0.40 17.72 7.58
C LEU A 228 -1.59 18.52 8.14
N ALA A 229 -2.63 17.83 8.70
CA ALA A 229 -3.79 18.51 9.32
C ALA A 229 -3.39 19.24 10.62
N GLU A 230 -2.43 18.64 11.38
CA GLU A 230 -1.90 19.23 12.61
C GLU A 230 -1.06 20.42 12.22
N VAL A 231 -0.29 20.31 11.13
CA VAL A 231 0.50 21.43 10.61
C VAL A 231 -0.45 22.55 10.11
N ALA A 232 -1.54 22.19 9.38
CA ALA A 232 -2.52 23.16 8.87
C ALA A 232 -3.11 23.93 10.05
N ARG A 233 -3.52 23.21 11.11
CA ARG A 233 -4.08 23.83 12.30
C ARG A 233 -3.01 24.67 13.03
N GLU A 234 -1.78 24.15 13.25
CA GLU A 234 -0.68 24.94 13.86
C GLU A 234 -0.42 26.25 13.08
N GLU A 235 -0.60 26.19 11.74
CA GLU A 235 -0.42 27.30 10.78
C GLU A 235 -1.67 28.18 10.61
N LYS A 236 -2.67 27.98 11.51
CA LYS A 236 -3.96 28.68 11.58
C LYS A 236 -4.78 28.60 10.25
N LEU A 237 -4.65 27.47 9.53
CA LEU A 237 -5.38 27.17 8.30
C LEU A 237 -6.30 26.00 8.58
N ASN A 238 -7.47 25.95 7.95
CA ASN A 238 -8.43 24.87 8.14
C ASN A 238 -8.31 23.94 6.94
N PRO A 239 -7.97 22.64 7.16
CA PRO A 239 -7.72 21.73 6.03
C PRO A 239 -8.96 21.31 5.21
N ARG A 240 -10.16 21.67 5.66
CA ARG A 240 -11.41 21.44 4.92
C ARG A 240 -11.53 22.47 3.78
N ASN A 241 -10.71 23.55 3.86
CA ASN A 241 -10.71 24.63 2.90
C ASN A 241 -9.62 24.46 1.83
N PHE A 242 -9.22 23.20 1.56
CA PHE A 242 -8.19 22.89 0.57
C PHE A 242 -8.80 22.46 -0.77
N GLY A 243 -10.14 22.45 -0.84
CA GLY A 243 -10.92 22.09 -2.02
C GLY A 243 -10.80 20.65 -2.47
N LEU A 244 -10.31 19.76 -1.58
CA LEU A 244 -10.07 18.34 -1.89
C LEU A 244 -11.33 17.55 -2.05
N LYS A 245 -11.39 16.77 -3.14
CA LYS A 245 -12.52 15.88 -3.37
C LYS A 245 -12.07 14.51 -2.88
N CYS A 246 -10.75 14.27 -2.94
CA CYS A 246 -10.20 13.01 -2.49
C CYS A 246 -8.72 13.08 -2.16
N LEU A 247 -8.30 12.09 -1.38
CA LEU A 247 -6.94 11.80 -0.96
C LEU A 247 -6.79 10.31 -1.23
N PHE A 248 -5.71 9.90 -1.91
CA PHE A 248 -5.49 8.49 -2.23
C PHE A 248 -4.12 8.10 -1.74
N PHE A 249 -4.04 7.01 -1.01
CA PHE A 249 -2.82 6.64 -0.31
C PHE A 249 -2.32 5.25 -0.58
N SER A 250 -1.01 5.10 -0.44
CA SER A 250 -0.29 3.83 -0.52
C SER A 250 0.92 3.90 0.41
N GLY A 251 1.53 2.76 0.69
CA GLY A 251 2.75 2.73 1.48
C GLY A 251 2.68 2.00 2.79
N GLU A 252 1.48 1.92 3.40
CA GLU A 252 1.26 1.34 4.72
C GLU A 252 -0.24 1.24 4.99
N PRO A 253 -0.70 0.45 5.99
CA PRO A 253 -2.15 0.45 6.31
C PRO A 253 -2.60 1.83 6.83
N GLY A 254 -3.90 2.09 6.77
CA GLY A 254 -4.47 3.34 7.25
C GLY A 254 -5.75 3.69 6.53
N ALA A 255 -5.68 3.73 5.19
CA ALA A 255 -6.77 4.03 4.28
C ALA A 255 -7.93 3.02 4.30
N SER A 256 -7.71 1.85 4.90
CA SER A 256 -8.78 0.86 5.11
C SER A 256 -8.88 0.52 6.60
N VAL A 257 -8.30 1.39 7.44
CA VAL A 257 -8.31 1.25 8.89
C VAL A 257 -9.44 2.13 9.46
N PRO A 258 -10.45 1.48 10.10
CA PRO A 258 -11.66 2.20 10.60
C PRO A 258 -11.52 3.66 11.10
N GLY A 259 -10.93 3.86 12.29
CA GLY A 259 -10.74 5.18 12.90
C GLY A 259 -9.77 6.12 12.19
N VAL A 260 -8.82 5.56 11.43
CA VAL A 260 -7.84 6.32 10.67
C VAL A 260 -8.52 6.94 9.44
N LYS A 261 -9.23 6.10 8.65
CA LYS A 261 -9.94 6.58 7.43
C LYS A 261 -10.95 7.70 7.78
N ASP A 262 -11.75 7.48 8.84
CA ASP A 262 -12.76 8.43 9.31
C ASP A 262 -12.15 9.73 9.79
N ARG A 263 -11.01 9.67 10.50
CA ARG A 263 -10.29 10.86 10.96
C ARG A 263 -9.79 11.70 9.78
N ILE A 264 -9.25 11.06 8.74
CA ILE A 264 -8.72 11.76 7.56
C ILE A 264 -9.87 12.39 6.75
N GLU A 265 -10.92 11.62 6.41
CA GLU A 265 -12.09 12.13 5.68
C GLU A 265 -12.76 13.31 6.42
N GLU A 266 -12.82 13.26 7.76
CA GLU A 266 -13.42 14.35 8.55
C GLU A 266 -12.55 15.61 8.53
N ALA A 267 -11.24 15.45 8.74
CA ALA A 267 -10.27 16.54 8.78
C ALA A 267 -10.22 17.33 7.48
N TYR A 268 -10.38 16.66 6.33
CA TYR A 268 -10.32 17.27 5.01
C TYR A 268 -11.67 17.48 4.31
N GLY A 269 -12.71 16.83 4.80
CA GLY A 269 -14.06 16.88 4.21
C GLY A 269 -14.04 16.31 2.80
N ALA A 270 -13.27 15.23 2.60
CA ALA A 270 -13.07 14.59 1.30
C ALA A 270 -13.12 13.08 1.44
N LYS A 271 -13.11 12.34 0.31
CA LYS A 271 -13.11 10.88 0.30
C LYS A 271 -11.67 10.37 0.35
N VAL A 272 -11.46 9.20 0.99
CA VAL A 272 -10.15 8.59 1.10
C VAL A 272 -10.15 7.31 0.27
N TYR A 273 -9.11 7.08 -0.53
CA TYR A 273 -8.97 5.85 -1.32
C TYR A 273 -7.73 5.12 -0.94
N ASP A 274 -7.83 3.79 -0.86
CA ASP A 274 -6.72 2.90 -0.55
C ASP A 274 -6.20 2.31 -1.88
N CYS A 275 -4.86 2.27 -2.03
CA CYS A 275 -4.17 1.65 -3.15
C CYS A 275 -2.78 1.19 -2.70
N GLY A 276 -2.11 0.38 -3.53
CA GLY A 276 -0.75 0.00 -3.29
C GLY A 276 -0.46 -1.41 -2.90
N SER A 277 0.40 -2.06 -3.71
CA SER A 277 0.93 -3.40 -3.46
C SER A 277 2.36 -3.20 -2.97
N MET A 278 3.34 -3.26 -3.89
CA MET A 278 4.78 -3.15 -3.64
C MET A 278 5.45 -2.34 -4.72
N ALA A 279 6.63 -1.79 -4.43
CA ALA A 279 7.46 -1.03 -5.34
C ALA A 279 7.96 -1.93 -6.47
N GLU A 280 8.28 -3.20 -6.14
CA GLU A 280 8.75 -4.20 -7.12
C GLU A 280 7.61 -4.46 -8.10
N MET A 281 6.36 -4.24 -7.64
CA MET A 281 5.14 -4.46 -8.40
C MET A 281 4.55 -3.21 -9.08
N SER A 282 5.38 -2.15 -9.33
CA SER A 282 4.84 -0.99 -10.07
C SER A 282 4.38 -1.51 -11.43
N PRO A 283 3.17 -1.20 -11.93
CA PRO A 283 2.13 -0.29 -11.39
C PRO A 283 1.52 -0.83 -10.08
N PHE A 284 1.92 -0.24 -8.96
CA PHE A 284 1.55 -0.67 -7.61
C PHE A 284 0.08 -0.39 -7.28
N MET A 285 -0.59 0.48 -8.08
CA MET A 285 -2.02 0.76 -7.90
C MET A 285 -2.88 -0.43 -8.41
N ASN A 286 -2.25 -1.59 -8.77
CA ASN A 286 -2.95 -2.82 -9.21
C ASN A 286 -3.98 -3.33 -8.15
N VAL A 287 -3.85 -2.84 -6.93
CA VAL A 287 -4.80 -3.05 -5.84
C VAL A 287 -5.21 -1.62 -5.44
N ALA A 288 -6.50 -1.30 -5.64
CA ALA A 288 -7.02 0.05 -5.40
C ALA A 288 -8.52 0.12 -5.33
N GLY A 289 -8.99 0.94 -4.41
CA GLY A 289 -10.42 1.23 -4.27
C GLY A 289 -10.91 2.16 -5.37
N THR A 290 -12.23 2.16 -5.60
CA THR A 290 -12.82 3.02 -6.65
C THR A 290 -13.79 4.02 -6.02
N GLU A 291 -14.27 5.02 -6.77
CA GLU A 291 -15.21 6.01 -6.22
C GLU A 291 -16.45 5.38 -5.56
N GLN A 292 -17.02 4.32 -6.15
CA GLN A 292 -18.19 3.62 -5.62
C GLN A 292 -17.81 2.47 -4.69
N SER A 293 -16.78 1.66 -5.03
CA SER A 293 -16.27 0.59 -4.16
C SER A 293 -15.16 1.27 -3.36
N ASN A 294 -15.53 2.25 -2.53
CA ASN A 294 -14.58 3.12 -1.81
C ASN A 294 -13.96 2.50 -0.56
N ASP A 295 -14.49 1.36 -0.08
CA ASP A 295 -13.88 0.67 1.06
C ASP A 295 -12.95 -0.44 0.54
N GLY A 296 -11.75 -0.48 1.09
CA GLY A 296 -10.77 -1.47 0.70
C GLY A 296 -10.26 -1.25 -0.71
N MET A 297 -9.86 -2.35 -1.37
CA MET A 297 -9.27 -2.27 -2.69
C MET A 297 -9.76 -3.36 -3.60
N LEU A 298 -9.83 -3.08 -4.91
CA LEU A 298 -10.11 -4.11 -5.91
C LEU A 298 -8.75 -4.60 -6.46
N CYS A 299 -8.70 -5.84 -6.94
CA CYS A 299 -7.52 -6.44 -7.56
C CYS A 299 -7.73 -6.30 -9.04
N TRP A 300 -7.07 -5.30 -9.67
CA TRP A 300 -7.15 -5.05 -11.10
C TRP A 300 -6.32 -6.12 -11.82
N GLN A 301 -6.93 -7.32 -11.94
CA GLN A 301 -6.37 -8.59 -12.41
C GLN A 301 -5.72 -8.58 -13.80
N ASP A 302 -6.24 -7.78 -14.74
CA ASP A 302 -5.70 -7.68 -16.11
C ASP A 302 -4.48 -6.74 -16.20
N ILE A 303 -4.11 -6.08 -15.08
CA ILE A 303 -2.93 -5.23 -15.00
C ILE A 303 -1.79 -6.07 -14.35
N ILE A 304 -2.06 -6.64 -13.16
CA ILE A 304 -1.20 -7.55 -12.39
C ILE A 304 -2.13 -8.62 -11.81
N TYR A 305 -1.74 -9.89 -11.94
CA TYR A 305 -2.50 -11.01 -11.42
C TYR A 305 -2.21 -11.23 -9.93
N THR A 306 -3.19 -10.88 -9.08
CA THR A 306 -3.06 -11.04 -7.62
C THR A 306 -3.65 -12.42 -7.20
N GLU A 307 -2.91 -13.14 -6.35
CA GLU A 307 -3.31 -14.41 -5.77
C GLU A 307 -3.20 -14.28 -4.25
N VAL A 308 -4.27 -14.58 -3.51
CA VAL A 308 -4.18 -14.53 -2.06
C VAL A 308 -4.00 -15.98 -1.62
N CYS A 309 -2.79 -16.26 -1.13
CA CYS A 309 -2.34 -17.61 -0.88
C CYS A 309 -2.11 -17.98 0.58
N ASP A 310 -2.17 -19.29 0.82
CA ASP A 310 -1.85 -19.86 2.12
C ASP A 310 -0.30 -19.89 2.15
N PRO A 311 0.35 -19.15 3.11
CA PRO A 311 1.83 -19.12 3.16
C PRO A 311 2.53 -20.47 3.38
N ALA A 312 1.75 -21.52 3.72
CA ALA A 312 2.23 -22.87 3.94
C ALA A 312 2.45 -23.63 2.64
N ASN A 313 1.67 -23.32 1.58
CA ASN A 313 1.80 -24.06 0.31
C ASN A 313 1.78 -23.18 -0.98
N MET A 314 1.58 -21.86 -0.84
CA MET A 314 1.50 -20.86 -1.91
C MET A 314 0.36 -21.12 -2.92
N ARG A 315 -0.73 -21.73 -2.44
CA ARG A 315 -1.92 -21.98 -3.25
C ARG A 315 -3.01 -21.03 -2.80
N ARG A 316 -3.88 -20.59 -3.73
CA ARG A 316 -4.95 -19.64 -3.43
C ARG A 316 -5.86 -20.14 -2.32
N VAL A 317 -6.24 -19.25 -1.39
CA VAL A 317 -7.18 -19.56 -0.30
C VAL A 317 -8.59 -19.26 -0.85
N PRO A 318 -9.67 -19.94 -0.38
CA PRO A 318 -11.02 -19.60 -0.91
C PRO A 318 -11.40 -18.16 -0.57
N TYR A 319 -12.36 -17.57 -1.31
CA TYR A 319 -12.84 -16.23 -1.01
C TYR A 319 -13.52 -16.20 0.37
N GLY A 320 -13.29 -15.15 1.12
CA GLY A 320 -13.79 -15.03 2.48
C GLY A 320 -12.74 -15.44 3.49
N GLN A 321 -11.59 -15.94 3.01
CA GLN A 321 -10.45 -16.36 3.83
C GLN A 321 -9.24 -15.44 3.71
N ARG A 322 -8.42 -15.38 4.77
CA ARG A 322 -7.21 -14.57 4.89
C ARG A 322 -6.00 -15.31 4.30
N GLY A 323 -5.06 -14.56 3.75
CA GLY A 323 -3.84 -15.12 3.16
C GLY A 323 -2.82 -14.08 2.76
N THR A 324 -1.78 -14.50 2.04
CA THR A 324 -0.74 -13.58 1.62
C THR A 324 -0.81 -13.25 0.12
N PRO A 325 -0.81 -11.95 -0.24
CA PRO A 325 -0.79 -11.60 -1.67
C PRO A 325 0.51 -12.02 -2.38
N VAL A 326 0.35 -12.70 -3.51
CA VAL A 326 1.40 -13.17 -4.42
C VAL A 326 1.04 -12.50 -5.74
N TYR A 327 2.02 -11.78 -6.34
CA TYR A 327 1.75 -10.97 -7.53
C TYR A 327 2.54 -11.32 -8.75
N THR A 328 1.92 -11.14 -9.94
CA THR A 328 2.54 -11.35 -11.26
C THR A 328 2.20 -10.20 -12.21
N HIS A 329 3.25 -9.59 -12.81
CA HIS A 329 3.14 -8.56 -13.84
C HIS A 329 2.59 -9.16 -15.13
N LEU A 330 1.57 -8.50 -15.72
CA LEU A 330 1.07 -8.97 -17.04
C LEU A 330 1.47 -8.02 -18.19
N GLU A 331 2.02 -6.84 -17.86
CA GLU A 331 2.36 -5.79 -18.82
C GLU A 331 3.72 -5.15 -18.56
N ARG A 332 4.76 -5.97 -18.25
CA ARG A 332 6.12 -5.47 -18.01
C ARG A 332 7.19 -6.33 -18.66
N THR A 333 8.13 -5.68 -19.35
CA THR A 333 9.26 -6.35 -20.01
C THR A 333 10.56 -6.21 -19.21
N SER A 334 10.66 -5.18 -18.33
CA SER A 334 11.87 -4.92 -17.52
C SER A 334 11.62 -5.34 -16.07
N GLN A 335 12.55 -6.15 -15.49
CA GLN A 335 12.41 -6.70 -14.13
C GLN A 335 11.00 -7.27 -13.88
N PRO A 336 10.43 -8.13 -14.80
CA PRO A 336 9.07 -8.63 -14.55
C PRO A 336 9.04 -9.54 -13.33
N MET A 337 8.06 -9.34 -12.48
CA MET A 337 7.89 -10.12 -11.26
C MET A 337 6.85 -11.21 -11.51
N ILE A 338 7.25 -12.47 -11.37
CA ILE A 338 6.36 -13.61 -11.58
C ILE A 338 6.21 -14.37 -10.28
N ARG A 339 5.04 -14.20 -9.67
CA ARG A 339 4.69 -14.81 -8.40
C ARG A 339 5.59 -14.32 -7.28
N LEU A 340 5.70 -12.99 -7.13
CA LEU A 340 6.45 -12.42 -6.02
C LEU A 340 5.60 -12.48 -4.75
N LEU A 341 6.20 -13.06 -3.70
CA LEU A 341 5.61 -13.20 -2.37
C LEU A 341 5.69 -11.82 -1.67
N SER A 342 4.54 -11.25 -1.28
CA SER A 342 4.51 -9.94 -0.63
C SER A 342 4.94 -10.01 0.81
N GLY A 343 4.55 -11.09 1.49
CA GLY A 343 4.80 -11.30 2.90
C GLY A 343 3.77 -10.55 3.74
N ASP A 344 2.68 -10.08 3.09
CA ASP A 344 1.62 -9.30 3.72
C ASP A 344 0.43 -10.18 4.04
N LEU A 345 -0.49 -9.67 4.87
CA LEU A 345 -1.70 -10.40 5.21
C LEU A 345 -2.92 -9.60 4.74
N THR A 346 -3.87 -10.30 4.11
CA THR A 346 -5.12 -9.71 3.65
C THR A 346 -6.24 -10.76 3.67
N LEU A 347 -7.45 -10.31 3.36
CA LEU A 347 -8.63 -11.11 3.16
C LEU A 347 -9.18 -10.65 1.81
N TRP A 348 -9.59 -11.62 0.99
CA TRP A 348 -10.17 -11.35 -0.33
C TRP A 348 -11.55 -12.02 -0.47
N THR A 349 -12.47 -11.34 -1.16
CA THR A 349 -13.83 -11.81 -1.44
C THR A 349 -14.12 -11.59 -2.92
N ASN A 350 -15.14 -12.26 -3.45
CA ASN A 350 -15.50 -12.14 -4.85
C ASN A 350 -17.00 -11.81 -5.04
N ASP A 351 -17.54 -10.96 -4.19
CA ASP A 351 -18.93 -10.54 -4.32
C ASP A 351 -19.01 -9.28 -5.20
N GLU A 352 -20.22 -8.99 -5.71
CA GLU A 352 -20.54 -7.84 -6.56
C GLU A 352 -20.00 -6.53 -5.95
N ASN A 353 -19.43 -5.65 -6.79
CA ASN A 353 -18.87 -4.39 -6.33
C ASN A 353 -19.78 -3.24 -6.68
N PRO A 354 -19.94 -2.21 -5.78
CA PRO A 354 -20.83 -1.06 -6.12
C PRO A 354 -20.51 -0.32 -7.42
N CYS A 355 -19.21 -0.28 -7.82
CA CYS A 355 -18.79 0.36 -9.07
C CYS A 355 -19.16 -0.50 -10.29
N GLY A 356 -19.42 -1.79 -10.07
CA GLY A 356 -19.75 -2.72 -11.14
C GLY A 356 -18.55 -3.37 -11.82
N ARG A 357 -17.34 -3.16 -11.27
CA ARG A 357 -16.12 -3.79 -11.78
C ARG A 357 -16.12 -5.24 -11.29
N THR A 358 -15.88 -6.18 -12.21
CA THR A 358 -15.91 -7.62 -11.93
C THR A 358 -14.55 -8.16 -11.45
N TYR A 359 -14.00 -7.57 -10.37
CA TYR A 359 -12.70 -7.91 -9.81
C TYR A 359 -12.82 -8.48 -8.38
N PRO A 360 -11.85 -9.33 -7.92
CA PRO A 360 -11.83 -9.72 -6.49
C PRO A 360 -11.48 -8.47 -5.68
N ARG A 361 -11.85 -8.47 -4.41
CA ARG A 361 -11.69 -7.33 -3.53
C ARG A 361 -10.94 -7.70 -2.25
N LEU A 362 -10.24 -6.72 -1.68
CA LEU A 362 -9.60 -6.74 -0.37
C LEU A 362 -10.46 -5.76 0.44
N PRO A 363 -11.60 -6.24 1.02
CA PRO A 363 -12.55 -5.33 1.70
C PRO A 363 -12.02 -4.50 2.86
N GLN A 364 -10.93 -4.97 3.49
CA GLN A 364 -10.31 -4.32 4.64
C GLN A 364 -8.86 -3.94 4.33
N GLY A 365 -8.57 -3.86 3.03
CA GLY A 365 -7.25 -3.58 2.48
C GLY A 365 -6.27 -4.63 2.97
N ILE A 366 -5.07 -4.18 3.31
CA ILE A 366 -3.98 -5.03 3.75
C ILE A 366 -3.68 -4.69 5.20
N PHE A 367 -3.70 -5.73 6.06
CA PHE A 367 -3.53 -5.63 7.51
C PHE A 367 -2.13 -5.24 7.95
N GLY A 368 -1.13 -5.69 7.20
CA GLY A 368 0.28 -5.43 7.51
C GLY A 368 1.16 -6.55 7.02
N ARG A 369 2.47 -6.43 7.31
CA ARG A 369 3.51 -7.40 6.96
C ARG A 369 3.47 -8.50 8.02
N ILE A 370 3.40 -9.78 7.60
CA ILE A 370 3.35 -10.92 8.51
C ILE A 370 4.49 -10.85 9.57
N ASP A 371 5.68 -10.34 9.17
CA ASP A 371 6.86 -10.23 10.05
C ASP A 371 6.70 -9.15 11.13
N ASP A 372 5.82 -8.17 10.90
CA ASP A 372 5.58 -7.09 11.85
C ASP A 372 4.74 -7.56 13.05
N MET A 373 3.95 -8.63 12.85
CA MET A 373 3.10 -9.22 13.87
C MET A 373 3.97 -9.70 15.08
N PHE A 374 3.43 -9.51 16.30
CA PHE A 374 4.04 -9.94 17.56
C PHE A 374 3.00 -10.71 18.36
N THR A 375 3.45 -11.54 19.31
CA THR A 375 2.56 -12.37 20.11
C THR A 375 2.64 -12.03 21.60
N ILE A 376 1.47 -11.81 22.21
CA ILE A 376 1.33 -11.55 23.65
C ILE A 376 0.33 -12.56 24.24
N ARG A 377 0.82 -13.45 25.14
CA ARG A 377 0.08 -14.54 25.80
C ARG A 377 -0.72 -15.40 24.79
N GLY A 378 0.00 -15.91 23.80
CA GLY A 378 -0.54 -16.77 22.75
C GLY A 378 -1.48 -16.10 21.77
N GLU A 379 -1.58 -14.76 21.84
CA GLU A 379 -2.46 -13.98 20.98
C GLU A 379 -1.67 -13.20 19.91
N ASN A 380 -2.02 -13.42 18.63
CA ASN A 380 -1.36 -12.80 17.47
C ASN A 380 -1.89 -11.39 17.22
N ILE A 381 -0.99 -10.39 17.28
CA ILE A 381 -1.38 -8.99 17.12
C ILE A 381 -0.60 -8.29 16.02
N TYR A 382 -1.32 -7.56 15.14
CA TYR A 382 -0.76 -6.71 14.10
C TYR A 382 -0.75 -5.27 14.60
N PRO A 383 0.33 -4.48 14.40
CA PRO A 383 0.34 -3.08 14.89
C PRO A 383 -0.86 -2.24 14.47
N SER A 384 -1.43 -2.55 13.28
CA SER A 384 -2.58 -1.84 12.71
C SER A 384 -3.86 -2.01 13.55
N GLU A 385 -3.96 -3.11 14.33
CA GLU A 385 -5.13 -3.39 15.20
C GLU A 385 -5.14 -2.42 16.39
N ILE A 386 -3.95 -2.10 16.92
CA ILE A 386 -3.72 -1.14 18.01
C ILE A 386 -4.00 0.27 17.52
N ASP A 387 -3.48 0.62 16.32
CA ASP A 387 -3.69 1.91 15.68
C ASP A 387 -5.17 2.15 15.48
N ALA A 388 -5.93 1.14 14.98
CA ALA A 388 -7.36 1.19 14.74
C ALA A 388 -8.16 1.44 16.03
N ALA A 389 -7.84 0.70 17.12
CA ALA A 389 -8.55 0.81 18.40
C ALA A 389 -8.35 2.18 19.03
N LEU A 390 -7.10 2.70 19.01
CA LEU A 390 -6.79 4.01 19.57
C LEU A 390 -7.42 5.19 18.82
N ASN A 391 -7.43 5.13 17.46
CA ASN A 391 -7.97 6.17 16.60
C ASN A 391 -9.48 6.29 16.69
N GLN A 392 -10.14 5.28 17.28
CA GLN A 392 -11.59 5.27 17.46
C GLN A 392 -12.00 5.84 18.83
N MET A 393 -11.03 6.48 19.52
CA MET A 393 -11.19 7.11 20.83
C MET A 393 -11.04 8.64 20.70
N SER A 394 -12.05 9.40 21.20
CA SER A 394 -12.09 10.87 21.14
C SER A 394 -10.93 11.57 21.87
N GLY A 395 -10.45 10.95 22.97
CA GLY A 395 -9.37 11.45 23.81
C GLY A 395 -7.96 11.16 23.35
N TYR A 396 -7.81 10.30 22.32
CA TYR A 396 -6.51 9.93 21.74
C TYR A 396 -5.87 11.11 20.96
N GLY A 397 -4.59 11.40 21.26
CA GLY A 397 -3.81 12.52 20.73
C GLY A 397 -3.24 12.44 19.33
N GLY A 398 -3.39 11.28 18.66
CA GLY A 398 -2.91 11.11 17.30
C GLY A 398 -1.63 10.33 17.12
N GLU A 399 -0.93 10.02 18.23
CA GLU A 399 0.30 9.22 18.19
C GLU A 399 0.42 8.29 19.36
N HIS A 400 1.17 7.21 19.13
CA HIS A 400 1.49 6.16 20.11
C HIS A 400 2.69 5.37 19.62
N ARG A 401 3.28 4.58 20.52
CA ARG A 401 4.36 3.64 20.24
C ARG A 401 3.99 2.33 20.93
N ILE A 402 4.37 1.22 20.30
CA ILE A 402 4.19 -0.13 20.85
C ILE A 402 5.62 -0.56 21.21
N VAL A 403 5.86 -0.92 22.48
CA VAL A 403 7.18 -1.33 22.98
C VAL A 403 7.16 -2.85 23.24
N ILE A 404 7.95 -3.59 22.44
CA ILE A 404 7.99 -5.05 22.49
C ILE A 404 9.39 -5.62 22.62
N THR A 405 9.45 -6.95 22.79
CA THR A 405 10.66 -7.74 22.75
C THR A 405 10.36 -9.04 21.98
N ARG A 406 11.18 -9.35 20.98
CA ARG A 406 10.98 -10.61 20.27
C ARG A 406 11.96 -11.68 20.76
N GLU A 407 12.80 -11.30 21.74
CA GLU A 407 13.83 -12.14 22.37
C GLU A 407 13.27 -13.05 23.48
N SER A 408 12.26 -12.57 24.21
CA SER A 408 11.59 -13.31 25.29
C SER A 408 10.07 -13.21 25.13
N ALA A 409 9.31 -14.14 25.74
CA ALA A 409 7.84 -14.14 25.65
C ALA A 409 7.23 -12.96 26.43
N MET A 410 6.20 -12.30 25.83
CA MET A 410 5.54 -11.16 26.47
C MET A 410 4.22 -11.53 27.11
N ASP A 411 4.04 -11.11 28.38
CA ASP A 411 2.83 -11.37 29.15
C ASP A 411 1.80 -10.25 28.95
N GLU A 412 2.29 -9.00 28.75
CA GLU A 412 1.44 -7.82 28.55
C GLU A 412 1.94 -6.96 27.40
N LEU A 413 1.05 -6.08 26.91
CA LEU A 413 1.30 -5.13 25.86
C LEU A 413 1.69 -3.78 26.48
N LEU A 414 2.89 -3.25 26.14
CA LEU A 414 3.35 -1.95 26.64
C LEU A 414 3.08 -0.89 25.56
N LEU A 415 2.29 0.15 25.93
CA LEU A 415 1.94 1.24 25.02
C LEU A 415 2.31 2.60 25.61
N ARG A 416 2.85 3.49 24.76
CA ARG A 416 3.18 4.88 25.09
C ARG A 416 2.16 5.64 24.26
N VAL A 417 1.14 6.22 24.91
CA VAL A 417 0.05 6.88 24.20
C VAL A 417 -0.05 8.38 24.50
N GLU A 418 -0.23 9.17 23.44
CA GLU A 418 -0.44 10.60 23.57
C GLU A 418 -1.93 10.88 23.84
N PRO A 419 -2.27 11.70 24.87
CA PRO A 419 -3.67 12.17 25.01
C PRO A 419 -3.82 13.44 24.14
N SER A 420 -5.05 13.91 23.92
CA SER A 420 -5.25 15.17 23.17
C SER A 420 -4.92 16.37 24.09
N GLU A 421 -4.61 17.53 23.46
CA GLU A 421 -4.31 18.76 24.20
C GLU A 421 -5.48 19.18 25.14
N SER A 422 -6.75 18.93 24.71
CA SER A 422 -7.97 19.22 25.49
C SER A 422 -8.10 18.27 26.69
N VAL A 423 -7.68 16.98 26.53
CA VAL A 423 -7.68 16.00 27.63
C VAL A 423 -6.59 16.46 28.63
N HIS A 424 -5.42 16.91 28.11
CA HIS A 424 -4.32 17.44 28.93
C HIS A 424 -4.76 18.70 29.74
N ALA A 425 -5.37 19.71 29.05
CA ALA A 425 -5.87 20.96 29.64
C ALA A 425 -6.96 20.76 30.71
N ALA A 426 -7.67 19.61 30.62
CA ALA A 426 -8.71 19.21 31.58
C ALA A 426 -8.15 18.76 32.95
N GLY A 427 -6.83 18.57 33.06
CA GLY A 427 -6.20 18.22 34.34
C GLY A 427 -5.80 16.77 34.56
N ALA A 428 -5.08 16.52 35.70
CA ALA A 428 -4.53 15.22 36.10
C ALA A 428 -5.53 14.08 36.15
N ALA A 429 -6.70 14.33 36.75
CA ALA A 429 -7.76 13.35 36.85
C ALA A 429 -8.28 12.94 35.48
N ALA A 430 -8.41 13.92 34.54
CA ALA A 430 -8.88 13.67 33.18
C ALA A 430 -7.86 12.87 32.37
N LEU A 431 -6.55 13.18 32.55
CA LEU A 431 -5.43 12.48 31.91
C LEU A 431 -5.45 11.03 32.37
N GLU A 432 -5.50 10.80 33.69
CA GLU A 432 -5.58 9.48 34.30
C GLU A 432 -6.81 8.66 33.81
N THR A 433 -7.98 9.31 33.68
CA THR A 433 -9.22 8.70 33.16
C THR A 433 -9.02 8.23 31.71
N PHE A 434 -8.23 8.98 30.92
CA PHE A 434 -7.97 8.58 29.54
C PHE A 434 -7.02 7.38 29.49
N ARG A 435 -5.91 7.43 30.25
CA ARG A 435 -4.90 6.36 30.37
C ARG A 435 -5.55 4.99 30.69
N THR A 436 -6.48 4.95 31.66
CA THR A 436 -7.22 3.76 32.06
C THR A 436 -8.21 3.30 30.97
N GLU A 437 -8.93 4.25 30.35
CA GLU A 437 -9.87 3.94 29.27
C GLU A 437 -9.20 3.40 27.99
N ALA A 438 -8.00 3.92 27.65
CA ALA A 438 -7.19 3.47 26.51
C ALA A 438 -6.78 2.00 26.78
N SER A 439 -6.25 1.71 27.99
CA SER A 439 -5.88 0.37 28.47
C SER A 439 -7.04 -0.63 28.31
N HIS A 440 -8.23 -0.29 28.84
CA HIS A 440 -9.44 -1.12 28.75
C HIS A 440 -9.85 -1.40 27.32
N ARG A 441 -10.02 -0.34 26.48
CA ARG A 441 -10.44 -0.45 25.08
C ARG A 441 -9.57 -1.47 24.33
N VAL A 442 -8.25 -1.29 24.40
CA VAL A 442 -7.22 -2.14 23.78
C VAL A 442 -7.33 -3.59 24.29
N GLN A 443 -7.58 -3.77 25.61
CA GLN A 443 -7.78 -5.09 26.24
C GLN A 443 -9.02 -5.79 25.68
N THR A 444 -10.14 -5.05 25.55
CA THR A 444 -11.40 -5.56 25.01
C THR A 444 -11.23 -5.96 23.53
N VAL A 445 -10.45 -5.17 22.77
CA VAL A 445 -10.24 -5.39 21.34
C VAL A 445 -9.38 -6.63 21.07
N LEU A 446 -8.17 -6.69 21.67
CA LEU A 446 -7.18 -7.75 21.47
C LEU A 446 -7.29 -8.97 22.39
N GLY A 447 -7.85 -8.78 23.59
CA GLY A 447 -7.98 -9.85 24.59
C GLY A 447 -6.69 -10.09 25.33
N VAL A 448 -5.93 -9.02 25.55
CA VAL A 448 -4.61 -9.06 26.19
C VAL A 448 -4.43 -7.89 27.15
N ARG A 449 -3.66 -8.08 28.24
CA ARG A 449 -3.37 -7.03 29.22
C ARG A 449 -2.54 -5.94 28.53
N ALA A 450 -2.97 -4.67 28.68
CA ALA A 450 -2.29 -3.56 28.06
C ALA A 450 -1.93 -2.49 29.08
N LYS A 451 -0.62 -2.30 29.33
CA LYS A 451 -0.09 -1.26 30.20
C LYS A 451 0.11 0.01 29.33
N VAL A 452 -0.50 1.14 29.74
CA VAL A 452 -0.41 2.42 29.05
C VAL A 452 0.39 3.44 29.85
N GLU A 453 1.39 4.05 29.24
CA GLU A 453 2.12 5.16 29.81
C GLU A 453 1.73 6.38 28.94
N LEU A 454 1.26 7.48 29.57
CA LEU A 454 0.93 8.67 28.78
C LEU A 454 2.19 9.49 28.59
N VAL A 455 2.33 10.08 27.39
CA VAL A 455 3.40 11.00 27.06
C VAL A 455 2.76 12.37 26.78
N ALA A 456 3.56 13.45 26.80
CA ALA A 456 3.12 14.81 26.58
C ALA A 456 2.49 14.96 25.19
N PRO A 457 1.41 15.75 25.03
CA PRO A 457 0.86 15.95 23.67
C PRO A 457 1.92 16.46 22.67
N ASN A 458 1.89 15.95 21.43
CA ASN A 458 2.79 16.32 20.32
C ASN A 458 4.30 16.03 20.60
N SER A 459 4.60 15.13 21.56
CA SER A 459 5.97 14.76 21.90
C SER A 459 6.51 13.68 20.93
N ILE A 460 5.64 12.74 20.50
CA ILE A 460 6.01 11.65 19.60
C ILE A 460 6.23 12.22 18.17
N ALA A 461 7.37 11.88 17.53
CA ALA A 461 7.68 12.32 16.19
C ALA A 461 6.64 11.84 15.18
N ARG A 462 6.14 12.79 14.39
CA ARG A 462 5.21 12.55 13.27
C ARG A 462 6.12 12.27 12.04
N THR A 463 5.53 11.82 10.91
CA THR A 463 6.26 11.53 9.67
C THR A 463 5.45 11.90 8.41
N ASP A 464 6.18 12.20 7.32
CA ASP A 464 5.65 12.44 5.97
C ASP A 464 5.78 11.18 5.11
N PHE A 465 6.29 10.08 5.73
CA PHE A 465 6.50 8.75 5.14
C PHE A 465 5.70 7.67 5.90
N LYS A 466 6.29 6.49 6.16
CA LYS A 466 5.62 5.38 6.82
C LYS A 466 5.83 5.43 8.32
N ALA A 467 4.75 5.28 9.07
CA ALA A 467 4.81 5.28 10.52
C ALA A 467 5.45 3.98 11.08
N ARG A 468 6.56 4.12 11.84
CA ARG A 468 7.25 3.00 12.47
C ARG A 468 6.96 3.10 13.97
N ARG A 469 5.85 2.47 14.39
CA ARG A 469 5.37 2.59 15.78
C ARG A 469 5.86 1.49 16.71
N VAL A 470 6.47 0.43 16.17
CA VAL A 470 6.97 -0.65 17.02
C VAL A 470 8.45 -0.44 17.34
N ILE A 471 8.75 -0.45 18.66
CA ILE A 471 10.10 -0.38 19.22
C ILE A 471 10.31 -1.79 19.77
N ASP A 472 11.12 -2.59 19.07
CA ASP A 472 11.36 -4.02 19.35
C ASP A 472 12.62 -4.30 20.23
N ASP A 473 13.12 -3.29 20.96
CA ASP A 473 14.31 -3.36 21.83
C ASP A 473 14.01 -4.00 23.20
N ARG A 474 14.81 -5.02 23.58
CA ARG A 474 14.70 -5.75 24.85
C ARG A 474 15.02 -4.86 26.07
N GLU A 475 16.01 -3.95 25.96
CA GLU A 475 16.39 -3.04 27.04
C GLU A 475 15.32 -1.96 27.26
N VAL A 476 14.73 -1.43 26.16
CA VAL A 476 13.67 -0.42 26.19
C VAL A 476 12.41 -1.03 26.84
N PHE A 477 12.06 -2.28 26.45
CA PHE A 477 10.92 -3.04 26.96
C PHE A 477 11.03 -3.26 28.47
N ARG A 478 12.21 -3.76 28.93
CA ARG A 478 12.46 -4.03 30.33
C ARG A 478 12.44 -2.76 31.15
N ALA A 479 13.08 -1.68 30.64
CA ALA A 479 13.10 -0.36 31.30
C ALA A 479 11.69 0.20 31.49
N LEU A 480 10.83 0.07 30.45
CA LEU A 480 9.46 0.55 30.48
C LEU A 480 8.59 -0.27 31.45
N ASN A 481 8.64 -1.62 31.37
CA ASN A 481 7.88 -2.51 32.25
C ASN A 481 8.20 -2.24 33.73
N GLN A 482 9.51 -2.19 34.07
CA GLN A 482 10.06 -1.88 35.39
C GLN A 482 9.61 -0.49 35.88
N GLN A 483 9.58 0.52 34.98
CA GLN A 483 9.15 1.89 35.29
C GLN A 483 7.62 1.90 35.58
N LEU A 484 6.84 1.15 34.75
CA LEU A 484 5.38 0.98 34.84
C LEU A 484 4.98 0.13 36.04
N GLN A 485 5.90 -0.71 36.55
CA GLN A 485 5.65 -1.52 37.73
C GLN A 485 5.84 -0.64 38.98
N SER A 486 6.78 0.32 38.92
CA SER A 486 7.07 1.24 40.03
C SER A 486 6.01 2.34 40.20
N SER A 487 5.50 2.91 39.08
CA SER A 487 4.49 3.97 39.06
C SER A 487 3.13 3.53 39.65
CA 3HL B . 4.73 1.12 -1.99
CB 3HL B . 5.66 1.16 -3.22
OG1 3HL B . 4.97 1.30 -4.45
CG2 3HL B . 6.65 2.28 -3.14
C 3HL B . 3.31 1.31 -2.45
OA 3HL B . 2.98 2.38 -2.93
OB 3HL B . 2.55 0.18 -2.47
N9 8LQ C . 1.87 -1.33 1.94
C8 8LQ C . 1.93 -0.61 0.80
N7 8LQ C . 0.72 -0.17 0.51
C5 8LQ C . -0.12 -0.63 1.45
C6 8LQ C . -1.44 -0.45 1.68
N6 8LQ C . -2.15 0.27 0.82
N1 8LQ C . -2.06 -1.02 2.74
C2 8LQ C . -1.33 -1.78 3.66
N3 8LQ C . 0.03 -1.89 3.44
C4 8LQ C . 0.60 -1.34 2.33
CAA 8LQ C . 5.35 2.03 -3.85
CAZ 8LQ C . 4.00 1.94 -3.09
OAE 8LQ C . 3.84 3.08 -2.26
CAL 8LQ C . 3.89 0.68 -2.22
CAS 8LQ C . 5.07 0.60 -1.23
OAC 8LQ C . 5.05 1.28 -0.21
OAQ 8LQ C . 6.13 -0.20 -1.62
PBC 8LQ C . 7.30 -0.64 -0.63
OAH 8LQ C . 8.03 0.71 -0.25
OAD 8LQ C . 8.20 -1.65 -1.22
O5' 8LQ C . 6.54 -1.27 0.61
C5' 8LQ C . 5.59 -2.29 0.34
C4' 8LQ C . 4.95 -2.74 1.63
O4' 8LQ C . 4.27 -1.61 2.24
C3' 8LQ C . 3.89 -3.69 1.27
O3' 8LQ C . 4.43 -5.03 1.16
C2' 8LQ C . 2.95 -3.53 2.47
O2' 8LQ C . 3.49 -4.20 3.68
C1' 8LQ C . 2.97 -2.04 2.66
S SO4 D . 20.56 -15.72 -9.49
O1 SO4 D . 20.44 -14.77 -10.62
O2 SO4 D . 21.91 -15.69 -8.91
O3 SO4 D . 20.26 -17.07 -10.00
O4 SO4 D . 19.60 -15.41 -8.41
S SO4 E . -20.07 -3.00 -0.52
O1 SO4 E . -19.91 -4.06 -1.52
O2 SO4 E . -19.04 -1.98 -0.65
O3 SO4 E . -21.38 -2.36 -0.68
O4 SO4 E . -19.97 -3.60 0.82
S SO4 F . 8.94 19.59 8.94
O1 SO4 F . 9.49 18.25 9.09
O2 SO4 F . 9.84 20.55 9.57
O3 SO4 F . 8.79 19.89 7.51
O4 SO4 F . 7.61 19.65 9.58
#